data_7H6I
#
_entry.id   7H6I
#
_cell.length_a   60.050
_cell.length_b   59.360
_cell.length_c   72.370
_cell.angle_alpha   90.00
_cell.angle_beta   90.00
_cell.angle_gamma   90.00
#
_symmetry.space_group_name_H-M   'P 21 21 21'
#
loop_
_entity.id
_entity.type
_entity.pdbx_description
1 polymer Chymase
2 non-polymer 'ZINC ION'
3 non-polymer '5-fluoro-3-[(methanesulfonamido)methyl]-1-[(naphthalen-1-yl)methyl]-1H-indole-2-carboxylic acid'
4 water water
#
_entity_poly.entity_id   1
_entity_poly.type   'polypeptide(L)'
_entity_poly.pdbx_seq_one_letter_code
;IIGGTESKPHSRPYMAYLEIVTSNGPSKFCGGFLIRRNFVLTAAHCAGRSITVTLGAHNITEEEDTWQKLEVIKQFRHPK
YNTSTLHHDIMLLKLKEKASLTLAVGTLPFPSQKNFVPPGRMCRVAGWGRTGVLKPGSDTLQEVKLRLMDPQACSHFRDF
DHNLQLCVGNPRKTKSAFKGDSGGPLLCAGVAQGIVSYGRSDAKPPAVFTRISHYRPWINQILQAN
;
_entity_poly.pdbx_strand_id   A
#
loop_
_chem_comp.id
_chem_comp.type
_chem_comp.name
_chem_comp.formula
A1AO7 non-polymer '5-fluoro-3-[(methanesulfonamido)methyl]-1-[(naphthalen-1-yl)methyl]-1H-indole-2-carboxylic acid' 'C22 H19 F N2 O4 S'
ZN non-polymer 'ZINC ION' 'Zn 2'
#
# COMPACT_ATOMS: atom_id res chain seq x y z
N ILE A 1 -9.09 -5.35 3.12
CA ILE A 1 -9.57 -4.39 4.15
C ILE A 1 -10.66 -5.05 4.97
N ILE A 2 -10.49 -5.11 6.31
CA ILE A 2 -11.48 -5.67 7.22
C ILE A 2 -12.27 -4.53 7.85
N GLY A 3 -13.60 -4.65 7.82
CA GLY A 3 -14.50 -3.75 8.53
C GLY A 3 -14.66 -2.39 7.83
N GLY A 4 -14.29 -2.31 6.55
CA GLY A 4 -14.31 -1.05 5.82
C GLY A 4 -15.59 -0.91 4.98
N THR A 5 -15.58 0.07 4.07
CA THR A 5 -16.69 0.29 3.15
C THR A 5 -16.14 0.32 1.73
N GLU A 6 -16.98 -0.07 0.76
CA GLU A 6 -16.66 0.08 -0.64
C GLU A 6 -16.40 1.56 -0.91
N SER A 7 -15.22 1.88 -1.47
CA SER A 7 -14.89 3.24 -1.84
C SER A 7 -15.92 3.74 -2.86
N LYS A 8 -16.22 5.04 -2.83
CA LYS A 8 -16.86 5.68 -3.97
C LYS A 8 -15.98 5.45 -5.18
N PRO A 9 -16.50 4.95 -6.32
CA PRO A 9 -15.66 4.68 -7.48
C PRO A 9 -14.76 5.85 -7.85
N HIS A 10 -13.47 5.56 -8.02
CA HIS A 10 -12.48 6.49 -8.55
C HIS A 10 -12.21 7.65 -7.60
N SER A 11 -12.70 7.56 -6.35
CA SER A 11 -12.52 8.61 -5.36
C SER A 11 -11.10 8.60 -4.77
N ARG A 12 -10.30 7.56 -5.03
CA ARG A 12 -8.91 7.53 -4.55
C ARG A 12 -8.01 7.33 -5.76
N PRO A 13 -7.85 8.37 -6.62
CA PRO A 13 -7.32 8.17 -7.97
C PRO A 13 -5.82 7.86 -8.09
N TYR A 14 -5.12 7.92 -6.96
CA TYR A 14 -3.73 7.54 -6.84
C TYR A 14 -3.55 6.02 -6.67
N MET A 15 -4.64 5.27 -6.43
CA MET A 15 -4.49 3.86 -6.07
C MET A 15 -4.06 3.04 -7.28
N ALA A 16 -3.11 2.13 -7.05
CA ALA A 16 -2.58 1.24 -8.08
C ALA A 16 -2.80 -0.21 -7.67
N TYR A 17 -3.31 -1.02 -8.61
CA TYR A 17 -3.37 -2.47 -8.43
C TYR A 17 -2.19 -3.10 -9.18
N LEU A 18 -1.42 -3.90 -8.43
CA LEU A 18 -0.17 -4.47 -8.91
C LEU A 18 -0.35 -5.97 -9.13
N GLU A 19 0.05 -6.41 -10.33
N GLU A 19 0.00 -6.42 -10.33
CA GLU A 19 0.12 -7.81 -10.68
CA GLU A 19 0.10 -7.85 -10.62
C GLU A 19 1.60 -8.19 -10.82
C GLU A 19 1.57 -8.19 -10.79
N ILE A 20 2.06 -9.10 -9.95
CA ILE A 20 3.47 -9.42 -9.86
C ILE A 20 3.68 -10.89 -10.24
N VAL A 21 4.42 -11.12 -11.32
CA VAL A 21 4.77 -12.47 -11.72
C VAL A 21 5.89 -12.92 -10.80
N THR A 22 5.66 -14.00 -10.05
CA THR A 22 6.62 -14.38 -9.02
C THR A 22 7.84 -15.00 -9.72
N SER A 23 9.03 -14.48 -9.35
CA SER A 23 10.30 -14.95 -9.85
C SER A 23 10.33 -16.47 -10.01
N ASN A 24 9.55 -17.17 -9.17
CA ASN A 24 9.37 -18.60 -9.28
C ASN A 24 8.34 -18.92 -10.38
N GLY A 25 7.04 -18.71 -10.10
CA GLY A 25 5.97 -19.20 -10.98
C GLY A 25 4.78 -18.24 -11.12
N PRO A 26 3.68 -18.42 -10.34
CA PRO A 26 2.42 -17.70 -10.60
C PRO A 26 2.43 -16.23 -10.16
N SER A 27 1.27 -15.58 -10.29
CA SER A 27 1.13 -14.16 -10.02
C SER A 27 0.68 -13.93 -8.58
N LYS A 28 1.11 -12.79 -8.02
CA LYS A 28 0.58 -12.30 -6.76
C LYS A 28 0.14 -10.84 -6.95
N PHE A 29 -0.61 -10.32 -5.97
CA PHE A 29 -1.22 -9.01 -6.08
C PHE A 29 -0.91 -8.18 -4.84
N CYS A 30 -0.68 -6.88 -5.08
CA CYS A 30 -0.46 -5.90 -4.04
C CYS A 30 -1.15 -4.59 -4.43
N GLY A 31 -1.28 -3.70 -3.46
CA GLY A 31 -1.60 -2.31 -3.72
C GLY A 31 -0.33 -1.50 -3.90
N GLY A 32 -0.53 -0.23 -4.24
CA GLY A 32 0.51 0.77 -4.34
C GLY A 32 -0.16 2.11 -4.64
N PHE A 33 0.62 3.17 -4.79
CA PHE A 33 0.04 4.45 -5.12
C PHE A 33 0.98 5.28 -5.99
N LEU A 34 0.35 6.04 -6.89
CA LEU A 34 1.08 6.87 -7.86
C LEU A 34 1.48 8.16 -7.16
N ILE A 35 2.79 8.43 -7.11
CA ILE A 35 3.33 9.64 -6.53
C ILE A 35 3.88 10.59 -7.60
N ARG A 36 4.20 10.07 -8.80
CA ARG A 36 4.53 10.90 -9.95
C ARG A 36 4.00 10.19 -11.20
N ARG A 37 3.99 10.87 -12.35
CA ARG A 37 3.32 10.32 -13.52
C ARG A 37 3.91 8.96 -13.86
N ASN A 38 5.22 8.78 -13.63
CA ASN A 38 5.83 7.49 -13.91
C ASN A 38 6.49 6.86 -12.68
N PHE A 39 5.96 7.07 -11.48
CA PHE A 39 6.45 6.36 -10.31
C PHE A 39 5.32 5.90 -9.37
N VAL A 40 5.46 4.66 -8.91
CA VAL A 40 4.55 4.08 -7.94
C VAL A 40 5.34 3.63 -6.71
N LEU A 41 4.74 3.89 -5.55
N LEU A 41 4.78 3.95 -5.53
CA LEU A 41 5.28 3.49 -4.25
CA LEU A 41 5.28 3.48 -4.25
C LEU A 41 4.48 2.28 -3.77
C LEU A 41 4.49 2.25 -3.85
N THR A 42 5.19 1.28 -3.24
CA THR A 42 4.59 0.07 -2.72
C THR A 42 5.55 -0.56 -1.69
N ALA A 43 5.22 -1.77 -1.23
CA ALA A 43 6.07 -2.47 -0.27
C ALA A 43 7.15 -3.31 -0.98
N ALA A 44 8.33 -3.42 -0.35
CA ALA A 44 9.44 -4.19 -0.87
C ALA A 44 9.09 -5.67 -1.03
N HIS A 45 8.23 -6.20 -0.15
CA HIS A 45 7.91 -7.62 -0.14
C HIS A 45 7.03 -7.99 -1.33
N CYS A 46 6.49 -6.97 -2.02
CA CYS A 46 5.70 -7.18 -3.21
C CYS A 46 6.58 -7.39 -4.44
N ALA A 47 7.91 -7.40 -4.30
CA ALA A 47 8.77 -7.51 -5.47
C ALA A 47 8.63 -8.88 -6.13
N GLY A 48 9.07 -8.92 -7.40
CA GLY A 48 9.02 -10.12 -8.20
C GLY A 48 9.78 -9.94 -9.51
N ARG A 49 9.58 -10.87 -10.44
CA ARG A 49 10.28 -10.88 -11.71
C ARG A 49 9.82 -9.70 -12.58
N SER A 50 8.50 -9.53 -12.68
CA SER A 50 7.92 -8.50 -13.51
C SER A 50 6.60 -8.03 -12.92
N ILE A 51 6.29 -6.73 -13.13
CA ILE A 51 5.13 -6.09 -12.52
C ILE A 51 4.35 -5.32 -13.57
N THR A 52 3.01 -5.48 -13.51
CA THR A 52 2.04 -4.64 -14.19
C THR A 52 1.29 -3.80 -13.15
N VAL A 53 1.10 -2.51 -13.46
CA VAL A 53 0.31 -1.63 -12.63
C VAL A 53 -0.98 -1.26 -13.37
N THR A 54 -2.12 -1.40 -12.68
CA THR A 54 -3.40 -0.92 -13.18
C THR A 54 -3.82 0.31 -12.38
N LEU A 55 -3.95 1.44 -13.09
CA LEU A 55 -4.45 2.69 -12.55
C LEU A 55 -5.89 2.92 -13.04
N GLY A 56 -6.67 3.67 -12.26
CA GLY A 56 -8.01 4.10 -12.68
C GLY A 56 -9.09 3.05 -12.38
N ALA A 57 -8.78 2.06 -11.56
CA ALA A 57 -9.67 0.92 -11.37
C ALA A 57 -10.54 1.11 -10.14
N HIS A 58 -11.69 0.41 -10.15
CA HIS A 58 -12.52 0.29 -8.98
C HIS A 58 -12.78 -1.19 -8.75
N ASN A 59 -13.54 -1.81 -9.66
CA ASN A 59 -13.69 -3.25 -9.71
C ASN A 59 -12.65 -3.80 -10.68
N ILE A 60 -11.77 -4.65 -10.14
CA ILE A 60 -10.60 -5.12 -10.87
C ILE A 60 -10.98 -6.14 -11.95
N THR A 61 -12.20 -6.74 -11.88
CA THR A 61 -12.64 -7.61 -12.95
C THR A 61 -13.29 -6.81 -14.08
N GLU A 62 -13.39 -5.48 -13.93
CA GLU A 62 -14.15 -4.69 -14.88
C GLU A 62 -13.28 -3.61 -15.52
N GLU A 63 -12.84 -3.86 -16.76
CA GLU A 63 -12.17 -2.86 -17.55
C GLU A 63 -13.13 -1.70 -17.78
N GLU A 64 -12.62 -0.48 -17.60
CA GLU A 64 -13.35 0.74 -17.87
C GLU A 64 -12.48 1.66 -18.71
N ASP A 65 -13.09 2.74 -19.20
CA ASP A 65 -12.41 3.77 -19.96
C ASP A 65 -11.42 4.55 -19.09
N THR A 66 -11.54 4.45 -17.76
CA THR A 66 -10.63 5.11 -16.83
C THR A 66 -9.32 4.37 -16.70
N TRP A 67 -9.27 3.10 -17.09
CA TRP A 67 -8.12 2.26 -16.83
C TRP A 67 -6.90 2.72 -17.61
N GLN A 68 -5.74 2.69 -16.93
CA GLN A 68 -4.45 2.74 -17.58
C GLN A 68 -3.61 1.62 -17.00
N LYS A 69 -3.14 0.72 -17.87
CA LYS A 69 -2.39 -0.45 -17.44
C LYS A 69 -0.99 -0.33 -18.03
N LEU A 70 0.01 -0.31 -17.14
CA LEU A 70 1.38 0.05 -17.49
C LEU A 70 2.34 -1.00 -16.94
N GLU A 71 3.31 -1.38 -17.76
CA GLU A 71 4.36 -2.29 -17.31
C GLU A 71 5.37 -1.50 -16.47
N VAL A 72 5.89 -2.14 -15.43
CA VAL A 72 7.00 -1.58 -14.67
C VAL A 72 8.29 -1.91 -15.41
N ILE A 73 9.18 -0.91 -15.56
CA ILE A 73 10.44 -1.13 -16.23
C ILE A 73 11.58 -1.28 -15.22
N LYS A 74 11.52 -0.61 -14.06
CA LYS A 74 12.56 -0.79 -13.04
C LYS A 74 11.98 -0.81 -11.63
N GLN A 75 12.35 -1.84 -10.87
CA GLN A 75 12.04 -1.97 -9.45
C GLN A 75 13.22 -1.43 -8.63
N PHE A 76 12.92 -0.47 -7.76
CA PHE A 76 13.90 0.07 -6.83
C PHE A 76 13.53 -0.39 -5.43
N ARG A 77 13.89 -1.62 -5.09
CA ARG A 77 13.64 -2.12 -3.76
C ARG A 77 14.64 -1.45 -2.81
N HIS A 78 14.18 -1.08 -1.60
CA HIS A 78 15.04 -0.41 -0.65
C HIS A 78 16.27 -1.28 -0.41
N PRO A 79 17.51 -0.74 -0.54
CA PRO A 79 18.71 -1.56 -0.42
C PRO A 79 18.91 -2.27 0.94
N LYS A 80 18.34 -1.70 2.00
CA LYS A 80 18.47 -2.26 3.34
C LYS A 80 17.25 -3.10 3.71
N TYR A 81 16.36 -3.36 2.73
CA TYR A 81 15.21 -4.22 2.98
C TYR A 81 15.72 -5.54 3.53
N ASN A 82 15.11 -5.99 4.62
CA ASN A 82 15.57 -7.13 5.37
C ASN A 82 14.39 -8.09 5.47
N THR A 83 14.49 -9.23 4.77
CA THR A 83 13.38 -10.16 4.67
C THR A 83 13.05 -10.73 6.04
N SER A 84 13.98 -10.68 6.99
CA SER A 84 13.78 -11.29 8.29
C SER A 84 13.01 -10.35 9.23
N THR A 85 13.55 -9.15 9.46
CA THR A 85 12.95 -8.18 10.35
C THR A 85 11.81 -7.42 9.66
N LEU A 86 11.85 -7.35 8.32
CA LEU A 86 10.91 -6.62 7.49
C LEU A 86 11.11 -5.11 7.64
N HIS A 87 12.27 -4.69 8.16
CA HIS A 87 12.62 -3.28 8.17
C HIS A 87 12.81 -2.81 6.73
N HIS A 88 12.47 -1.53 6.50
CA HIS A 88 12.62 -0.86 5.22
C HIS A 88 11.78 -1.56 4.14
N ASP A 89 10.54 -1.91 4.48
CA ASP A 89 9.63 -2.55 3.54
C ASP A 89 9.05 -1.48 2.60
N ILE A 90 9.86 -1.02 1.65
CA ILE A 90 9.44 0.04 0.75
C ILE A 90 10.13 -0.16 -0.58
N MET A 91 9.44 0.20 -1.68
CA MET A 91 9.94 -0.02 -3.03
C MET A 91 9.32 0.98 -4.01
N LEU A 92 10.16 1.55 -4.87
CA LEU A 92 9.70 2.45 -5.92
C LEU A 92 9.66 1.70 -7.25
N LEU A 93 8.60 1.94 -8.03
CA LEU A 93 8.45 1.33 -9.33
C LEU A 93 8.41 2.43 -10.39
N LYS A 94 9.30 2.32 -11.39
CA LYS A 94 9.27 3.21 -12.54
C LYS A 94 8.42 2.59 -13.65
N LEU A 95 7.45 3.36 -14.17
CA LEU A 95 6.53 2.89 -15.19
C LEU A 95 7.14 3.11 -16.58
N LYS A 96 6.84 2.18 -17.50
CA LYS A 96 7.38 2.22 -18.85
C LYS A 96 7.06 3.57 -19.50
N GLU A 97 5.94 4.19 -19.10
CA GLU A 97 5.67 5.54 -19.55
C GLU A 97 4.80 6.28 -18.54
N LYS A 98 4.59 7.56 -18.81
CA LYS A 98 3.86 8.44 -17.92
C LYS A 98 2.35 8.20 -18.03
N ALA A 99 1.70 8.11 -16.86
CA ALA A 99 0.24 8.05 -16.78
C ALA A 99 -0.36 9.37 -17.25
N SER A 100 -1.49 9.27 -17.95
CA SER A 100 -2.34 10.40 -18.26
C SER A 100 -3.13 10.81 -17.02
N LEU A 101 -3.00 12.07 -16.61
CA LEU A 101 -3.74 12.57 -15.48
C LEU A 101 -5.19 12.77 -15.90
N THR A 102 -6.12 12.10 -15.20
CA THR A 102 -7.55 12.26 -15.40
C THR A 102 -8.22 12.38 -14.03
N LEU A 103 -9.55 12.52 -14.03
CA LEU A 103 -10.28 12.51 -12.78
C LEU A 103 -10.00 11.21 -12.02
N ALA A 104 -9.91 10.08 -12.75
CA ALA A 104 -9.80 8.76 -12.14
C ALA A 104 -8.35 8.33 -11.88
N VAL A 105 -7.38 9.08 -12.43
CA VAL A 105 -5.96 8.77 -12.28
C VAL A 105 -5.21 10.04 -11.90
N GLY A 106 -4.61 10.04 -10.69
CA GLY A 106 -3.94 11.22 -10.17
C GLY A 106 -2.82 10.86 -9.20
N THR A 107 -1.93 11.81 -8.91
CA THR A 107 -0.81 11.56 -8.02
C THR A 107 -1.18 11.96 -6.59
N LEU A 108 -0.52 11.32 -5.62
CA LEU A 108 -0.73 11.61 -4.20
C LEU A 108 0.43 12.47 -3.72
N PRO A 109 0.16 13.67 -3.13
CA PRO A 109 1.19 14.48 -2.48
C PRO A 109 1.78 13.88 -1.20
N PHE A 110 3.04 14.27 -0.93
CA PHE A 110 3.66 14.13 0.38
C PHE A 110 3.40 15.39 1.20
N PRO A 118 3.86 16.03 11.54
CA PRO A 118 3.42 14.76 12.11
C PRO A 118 1.90 14.61 12.07
N PRO A 119 1.36 13.37 12.13
CA PRO A 119 -0.06 13.13 11.91
C PRO A 119 -0.91 13.15 13.18
N GLY A 120 -2.18 13.55 13.03
CA GLY A 120 -3.22 13.30 14.02
C GLY A 120 -3.54 11.82 14.13
N ARG A 121 -4.64 11.48 14.83
CA ARG A 121 -4.93 10.10 15.18
C ARG A 121 -5.68 9.38 14.06
N MET A 122 -6.60 10.05 13.37
CA MET A 122 -7.49 9.32 12.47
C MET A 122 -6.96 9.38 11.04
N CYS A 123 -6.76 8.19 10.48
CA CYS A 123 -6.18 7.98 9.16
C CYS A 123 -7.09 7.03 8.39
N ARG A 124 -6.82 6.86 7.09
CA ARG A 124 -7.59 5.98 6.23
C ARG A 124 -6.64 5.18 5.33
N VAL A 125 -7.04 3.94 5.02
CA VAL A 125 -6.30 3.07 4.13
C VAL A 125 -7.28 2.36 3.20
N ALA A 126 -6.85 2.10 1.96
CA ALA A 126 -7.67 1.47 0.94
C ALA A 126 -6.93 0.28 0.32
N GLY A 127 -7.69 -0.65 -0.27
CA GLY A 127 -7.08 -1.80 -0.89
C GLY A 127 -8.10 -2.80 -1.41
N TRP A 128 -7.60 -3.81 -2.15
CA TRP A 128 -8.42 -4.87 -2.71
C TRP A 128 -8.20 -6.19 -1.98
N GLY A 129 -7.64 -6.12 -0.77
CA GLY A 129 -7.27 -7.33 -0.04
C GLY A 129 -8.47 -8.02 0.62
N ARG A 130 -8.15 -9.04 1.42
CA ARG A 130 -9.14 -9.89 2.08
C ARG A 130 -10.01 -9.05 3.01
N THR A 131 -11.28 -9.47 3.16
CA THR A 131 -12.25 -8.77 3.98
C THR A 131 -12.39 -9.46 5.34
N GLY A 132 -11.53 -10.44 5.60
CA GLY A 132 -11.51 -11.18 6.84
C GLY A 132 -10.42 -12.24 6.78
N VAL A 133 -10.16 -12.91 7.91
CA VAL A 133 -9.02 -13.81 8.04
C VAL A 133 -8.97 -14.81 6.88
N LEU A 134 -10.09 -15.50 6.64
CA LEU A 134 -10.17 -16.56 5.64
C LEU A 134 -11.08 -16.15 4.47
N LYS A 135 -11.28 -14.84 4.31
N LYS A 135 -11.26 -14.84 4.29
CA LYS A 135 -12.19 -14.34 3.29
CA LYS A 135 -12.20 -14.35 3.29
C LYS A 135 -11.42 -14.22 1.97
C LYS A 135 -11.47 -14.15 1.98
N PRO A 136 -12.18 -14.11 0.83
CA PRO A 136 -11.59 -13.72 -0.45
C PRO A 136 -11.10 -12.27 -0.41
N GLY A 137 -10.20 -11.94 -1.36
CA GLY A 137 -9.91 -10.56 -1.71
C GLY A 137 -11.16 -9.88 -2.25
N SER A 138 -11.17 -8.54 -2.22
CA SER A 138 -12.31 -7.77 -2.71
C SER A 138 -12.08 -7.38 -4.17
N ASP A 139 -13.07 -7.68 -5.01
CA ASP A 139 -13.09 -7.21 -6.38
C ASP A 139 -13.15 -5.67 -6.44
N THR A 140 -13.83 -5.05 -5.46
CA THR A 140 -13.99 -3.60 -5.41
C THR A 140 -13.04 -2.98 -4.39
N LEU A 141 -12.66 -1.72 -4.66
CA LEU A 141 -11.81 -0.96 -3.76
C LEU A 141 -12.56 -0.69 -2.46
N GLN A 142 -11.97 -1.13 -1.35
CA GLN A 142 -12.50 -0.92 -0.02
C GLN A 142 -11.62 0.10 0.70
N GLU A 143 -12.18 0.75 1.72
CA GLU A 143 -11.42 1.68 2.55
C GLU A 143 -11.92 1.63 3.99
N VAL A 144 -11.03 1.97 4.93
CA VAL A 144 -11.39 1.97 6.33
C VAL A 144 -10.62 3.07 7.07
N LYS A 145 -11.27 3.64 8.10
CA LYS A 145 -10.68 4.64 8.96
C LYS A 145 -10.04 3.92 10.15
N LEU A 146 -8.78 4.26 10.45
CA LEU A 146 -8.01 3.58 11.48
C LEU A 146 -7.33 4.62 12.39
N ARG A 147 -7.14 4.23 13.66
CA ARG A 147 -6.44 5.06 14.63
C ARG A 147 -4.94 4.78 14.62
N LEU A 148 -4.15 5.85 14.49
CA LEU A 148 -2.72 5.78 14.71
C LEU A 148 -2.45 5.57 16.20
N MET A 149 -1.74 4.49 16.52
CA MET A 149 -1.50 4.08 17.90
C MET A 149 -0.08 4.47 18.31
N ASP A 150 0.12 4.62 19.63
CA ASP A 150 1.45 4.75 20.21
C ASP A 150 2.26 3.49 19.89
N PRO A 151 3.59 3.59 19.76
CA PRO A 151 4.44 2.44 19.41
C PRO A 151 4.35 1.29 20.42
N GLN A 152 4.02 1.62 21.67
CA GLN A 152 3.80 0.64 22.73
C GLN A 152 2.72 -0.39 22.34
N ALA A 153 1.74 0.03 21.53
CA ALA A 153 0.64 -0.86 21.16
C ALA A 153 1.13 -1.99 20.24
N CYS A 154 2.32 -1.81 19.64
CA CYS A 154 2.91 -2.77 18.72
C CYS A 154 4.14 -3.47 19.32
N SER A 155 4.31 -3.41 20.66
CA SER A 155 5.51 -3.96 21.27
C SER A 155 5.54 -5.48 21.12
N HIS A 156 4.38 -6.11 20.89
CA HIS A 156 4.29 -7.53 20.66
C HIS A 156 4.94 -7.97 19.34
N PHE A 157 5.16 -7.02 18.41
CA PHE A 157 5.89 -7.32 17.19
C PHE A 157 7.38 -7.09 17.45
N ARG A 158 8.16 -8.19 17.47
CA ARG A 158 9.50 -8.17 18.03
C ARG A 158 10.40 -7.15 17.31
N ASP A 159 10.21 -6.98 16.00
CA ASP A 159 11.11 -6.17 15.20
C ASP A 159 10.51 -4.78 14.92
N PHE A 160 9.49 -4.38 15.69
CA PHE A 160 8.87 -3.08 15.52
C PHE A 160 9.81 -1.98 15.99
N ASP A 161 9.99 -0.96 15.14
CA ASP A 161 10.85 0.17 15.44
C ASP A 161 10.11 1.47 15.13
N HIS A 162 9.79 2.23 16.19
CA HIS A 162 9.04 3.48 16.11
C HIS A 162 9.65 4.47 15.11
N ASN A 163 10.97 4.46 14.93
CA ASN A 163 11.61 5.38 14.00
C ASN A 163 11.26 5.03 12.56
N LEU A 164 11.06 3.74 12.29
CA LEU A 164 10.91 3.25 10.93
C LEU A 164 9.43 3.03 10.56
N GLN A 165 8.56 2.82 11.55
CA GLN A 165 7.24 2.26 11.27
C GLN A 165 6.15 2.94 12.11
N LEU A 166 4.92 2.87 11.57
CA LEU A 166 3.72 3.29 12.26
C LEU A 166 2.96 2.07 12.78
N CYS A 167 2.28 2.27 13.92
CA CYS A 167 1.44 1.29 14.58
C CYS A 167 -0.02 1.70 14.39
N VAL A 168 -0.81 0.92 13.64
CA VAL A 168 -2.04 1.43 13.06
C VAL A 168 -3.18 0.43 13.32
N GLY A 169 -4.22 0.92 13.99
CA GLY A 169 -5.44 0.16 14.21
C GLY A 169 -5.69 -0.05 15.70
N ASN A 170 -6.83 0.48 16.17
CA ASN A 170 -7.32 0.32 17.52
C ASN A 170 -7.65 -1.16 17.76
N PRO A 171 -6.98 -1.84 18.72
CA PRO A 171 -7.23 -3.26 18.95
C PRO A 171 -8.62 -3.61 19.49
N ARG A 172 -9.36 -2.62 19.97
N ARG A 172 -9.34 -2.61 20.01
CA ARG A 172 -10.72 -2.84 20.47
CA ARG A 172 -10.71 -2.77 20.47
C ARG A 172 -11.71 -2.98 19.31
C ARG A 172 -11.65 -3.11 19.31
N LYS A 173 -11.25 -2.80 18.06
CA LYS A 173 -12.11 -2.97 16.89
C LYS A 173 -11.49 -3.96 15.90
N THR A 174 -12.30 -4.46 14.95
CA THR A 174 -11.84 -5.40 13.94
C THR A 174 -11.24 -4.68 12.72
N LYS A 175 -11.53 -3.39 12.59
N LYS A 175 -11.53 -3.39 12.59
CA LYS A 175 -11.06 -2.57 11.48
CA LYS A 175 -11.08 -2.59 11.45
C LYS A 175 -9.56 -2.72 11.28
C LYS A 175 -9.56 -2.71 11.27
N SER A 176 -9.14 -3.10 10.06
CA SER A 176 -7.72 -3.28 9.76
C SER A 176 -7.44 -3.41 8.26
N ALA A 177 -6.23 -3.03 7.85
CA ALA A 177 -5.66 -3.55 6.63
C ALA A 177 -5.33 -5.02 6.88
N PHE A 178 -5.29 -5.82 5.82
CA PHE A 178 -4.95 -7.23 5.94
C PHE A 178 -4.28 -7.71 4.65
N LYS A 179 -4.13 -9.03 4.52
CA LYS A 179 -3.50 -9.66 3.36
C LYS A 179 -4.21 -9.20 2.09
N GLY A 180 -3.44 -8.88 1.05
CA GLY A 180 -3.97 -8.29 -0.17
C GLY A 180 -3.83 -6.78 -0.20
N ASP A 181 -3.68 -6.14 0.97
CA ASP A 181 -3.62 -4.69 1.09
C ASP A 181 -2.18 -4.17 1.07
N SER A 182 -1.19 -5.09 1.02
CA SER A 182 0.22 -4.71 1.03
C SER A 182 0.51 -3.62 0.00
N GLY A 183 1.33 -2.64 0.41
CA GLY A 183 1.80 -1.59 -0.50
C GLY A 183 0.86 -0.39 -0.57
N GLY A 184 -0.36 -0.52 -0.03
CA GLY A 184 -1.33 0.57 -0.06
C GLY A 184 -0.92 1.73 0.86
N PRO A 185 -1.32 2.99 0.55
CA PRO A 185 -0.98 4.15 1.37
C PRO A 185 -1.92 4.31 2.56
N LEU A 186 -1.35 4.78 3.67
CA LEU A 186 -2.13 5.29 4.78
C LEU A 186 -2.15 6.82 4.67
N LEU A 187 -3.34 7.40 4.50
CA LEU A 187 -3.49 8.85 4.48
C LEU A 187 -4.00 9.32 5.84
N CYS A 188 -3.34 10.35 6.38
CA CYS A 188 -3.81 11.09 7.54
C CYS A 188 -3.96 12.55 7.09
N ALA A 189 -5.19 13.07 7.15
CA ALA A 189 -5.49 14.42 6.67
C ALA A 189 -4.97 14.63 5.25
N GLY A 190 -5.27 13.69 4.36
CA GLY A 190 -5.01 13.85 2.94
C GLY A 190 -3.54 13.69 2.56
N VAL A 191 -2.67 13.42 3.54
CA VAL A 191 -1.23 13.25 3.31
C VAL A 191 -0.86 11.79 3.53
N ALA A 192 -0.05 11.24 2.64
CA ALA A 192 0.46 9.87 2.78
C ALA A 192 1.48 9.83 3.90
N GLN A 193 1.20 9.05 4.95
CA GLN A 193 2.10 8.88 6.08
C GLN A 193 2.69 7.48 6.13
N GLY A 194 1.95 6.47 5.60
CA GLY A 194 2.30 5.08 5.83
C GLY A 194 2.12 4.19 4.59
N ILE A 195 2.75 3.01 4.63
CA ILE A 195 2.60 1.97 3.63
C ILE A 195 2.30 0.66 4.34
N VAL A 196 1.25 -0.05 3.90
CA VAL A 196 0.85 -1.31 4.52
C VAL A 196 2.02 -2.28 4.39
N SER A 197 2.42 -2.89 5.52
CA SER A 197 3.57 -3.79 5.52
C SER A 197 3.13 -5.17 6.01
N TYR A 198 2.91 -5.33 7.33
CA TYR A 198 2.60 -6.65 7.88
C TYR A 198 1.77 -6.51 9.15
N GLY A 199 1.32 -7.66 9.68
CA GLY A 199 0.54 -7.72 10.91
C GLY A 199 0.33 -9.16 11.33
N ARG A 200 -0.61 -9.41 12.25
CA ARG A 200 -0.90 -10.74 12.73
C ARG A 200 -1.74 -11.51 11.72
N SER A 201 -1.47 -12.81 11.61
CA SER A 201 -2.17 -13.65 10.67
C SER A 201 -3.62 -13.85 11.11
N ASP A 202 -3.92 -13.63 12.40
CA ASP A 202 -5.29 -13.71 12.89
C ASP A 202 -6.03 -12.36 12.77
N ALA A 203 -5.38 -11.37 12.13
CA ALA A 203 -6.00 -10.11 11.75
C ALA A 203 -6.29 -9.20 12.93
N LYS A 204 -5.75 -9.50 14.13
CA LYS A 204 -6.02 -8.66 15.29
C LYS A 204 -5.18 -7.38 15.20
N PRO A 205 -5.81 -6.18 15.13
CA PRO A 205 -5.07 -4.91 15.08
C PRO A 205 -4.29 -4.68 16.37
N PRO A 206 -3.26 -3.79 16.37
CA PRO A 206 -2.83 -3.06 15.17
C PRO A 206 -2.03 -3.85 14.14
N ALA A 207 -1.83 -3.21 12.98
CA ALA A 207 -0.88 -3.68 11.97
C ALA A 207 0.28 -2.69 11.89
N VAL A 208 1.32 -3.08 11.12
CA VAL A 208 2.54 -2.31 10.99
C VAL A 208 2.62 -1.72 9.58
N PHE A 209 2.89 -0.41 9.52
CA PHE A 209 3.05 0.32 8.28
C PHE A 209 4.44 0.93 8.24
N THR A 210 5.02 1.03 7.03
CA THR A 210 6.27 1.74 6.84
C THR A 210 6.05 3.24 7.05
N ARG A 211 6.91 3.88 7.84
CA ARG A 211 6.84 5.31 8.07
C ARG A 211 7.49 6.04 6.90
N ILE A 212 6.66 6.58 6.01
CA ILE A 212 7.13 7.19 4.77
C ILE A 212 8.14 8.30 5.05
N SER A 213 7.92 9.12 6.09
CA SER A 213 8.73 10.31 6.31
C SER A 213 10.21 9.94 6.49
N HIS A 214 10.50 8.80 7.11
CA HIS A 214 11.87 8.36 7.34
C HIS A 214 12.62 8.14 6.02
N TYR A 215 11.90 7.82 4.94
CA TYR A 215 12.50 7.39 3.69
C TYR A 215 12.47 8.50 2.65
N ARG A 216 12.08 9.72 3.05
CA ARG A 216 11.92 10.82 2.10
C ARG A 216 13.23 11.15 1.41
N PRO A 217 14.40 11.15 2.09
CA PRO A 217 15.67 11.34 1.40
C PRO A 217 15.92 10.33 0.27
N TRP A 218 15.67 9.04 0.54
CA TRP A 218 15.89 7.98 -0.43
C TRP A 218 14.94 8.13 -1.62
N ILE A 219 13.66 8.42 -1.32
CA ILE A 219 12.66 8.59 -2.36
C ILE A 219 13.10 9.71 -3.29
N ASN A 220 13.40 10.87 -2.69
CA ASN A 220 13.75 12.08 -3.42
C ASN A 220 14.97 11.82 -4.31
N GLN A 221 15.89 10.98 -3.81
CA GLN A 221 17.10 10.60 -4.51
C GLN A 221 16.74 9.84 -5.79
N ILE A 222 15.87 8.84 -5.67
CA ILE A 222 15.53 8.01 -6.81
C ILE A 222 14.75 8.84 -7.83
N LEU A 223 13.86 9.72 -7.36
CA LEU A 223 13.04 10.55 -8.23
C LEU A 223 13.92 11.55 -8.99
N GLN A 224 14.98 12.05 -8.34
CA GLN A 224 15.89 13.02 -8.94
C GLN A 224 16.74 12.37 -10.02
N ALA A 225 16.99 11.06 -9.91
CA ALA A 225 17.92 10.36 -10.79
C ALA A 225 17.21 9.52 -11.85
N ASN A 226 15.87 9.57 -11.91
CA ASN A 226 15.11 8.70 -12.80
C ASN A 226 13.83 9.41 -13.27
ZN ZN B . -15.85 3.26 -12.75
N1 A1AO7 C . 1.74 -9.52 3.62
C4 A1AO7 C . 3.48 -10.74 2.84
C5 A1AO7 C . 3.09 -9.81 3.82
C7 A1AO7 C . 0.97 -8.60 4.45
C8 A1AO7 C . -0.09 -10.19 2.06
C10 A1AO7 C . 0.35 -9.25 5.68
C13 A1AO7 C . 4.80 -11.18 2.82
C20 A1AO7 C . 1.11 -10.88 -2.13
C22 A1AO7 C . 5.30 -9.76 4.73
C24 A1AO7 C . 0.59 -10.59 5.95
C26 A1AO7 C . -0.75 -7.12 6.39
C28 A1AO7 C . -1.81 -8.39 8.61
C2 A1AO7 C . 2.32 -11.04 2.05
C3 A1AO7 C . 1.29 -10.29 2.56
S6 A1AO7 C . 2.41 -10.21 -1.17
C9 A1AO7 C . 2.27 -11.99 0.88
N11 A1AO7 C . 3.00 -11.42 -0.25
C12 A1AO7 C . 3.98 -9.32 4.76
O14 A1AO7 C . 1.84 -9.24 -0.29
O15 A1AO7 C . 3.46 -9.81 -2.05
C16 A1AO7 C . -0.46 -8.50 6.57
O17 A1AO7 C . -0.80 -11.13 1.80
C18 A1AO7 C . 5.66 -10.68 3.77
C19 A1AO7 C . -1.02 -9.15 7.72
O21 A1AO7 C . -0.47 -8.93 1.89
F23 A1AO7 C . 6.96 -11.10 3.74
C25 A1AO7 C . 0.04 -11.22 7.06
C27 A1AO7 C . -0.74 -10.51 7.93
C29 A1AO7 C . -1.55 -6.44 7.26
C30 A1AO7 C . -2.06 -7.07 8.39
#